data_4HXD
#
_entry.id   4HXD
#
_cell.length_a   113.508
_cell.length_b   39.991
_cell.length_c   114.189
_cell.angle_alpha   90.000
_cell.angle_beta   97.330
_cell.angle_gamma   90.000
#
_symmetry.space_group_name_H-M   'C 1 2 1'
#
loop_
_entity.id
_entity.type
_entity.pdbx_description
1 polymer Polyubiquitin-C
2 polymer 'RNA-directed RNA polymerase L'
3 non-polymer '1.7.6 3-bromanylpropan-1-amine'
4 non-polymer 'SULFATE ION'
5 water water
#
loop_
_entity_poly.entity_id
_entity_poly.type
_entity_poly.pdbx_seq_one_letter_code
_entity_poly.pdbx_strand_id
1 'polypeptide(L)' MQIFVKTLTGKTITLEVEPSDTIENVKAKIQDKEGIPPDQQRLIFAGKQLEDGRTLSDYNIQKESTLHLVLRLRG A,C
2 'polypeptide(L)'
;DFLDSLIWERVVDEQYITNPTFCVSDYFEVIRQPGDGNCFYHSIAELFFDVKTPSSFRKVKEHLQLAAEVYYDTEPEAVG
TGISKDEYIKVAMKDNEWGGSLEASMLSKHLQTTIILWVVNSTEQVTAAIKFGPGRVSTALNLMHVGRTHFDALRIIEQL
ENNQPQDRHHHHHH
;
B,D
#
loop_
_chem_comp.id
_chem_comp.type
_chem_comp.name
_chem_comp.formula
4LJ non-polymer '1.7.6 3-bromanylpropan-1-amine' 'C3 H8 Br N'
SO4 non-polymer 'SULFATE ION' 'O4 S -2'
#
# COMPACT_ATOMS: atom_id res chain seq x y z
N MET A 1 14.56 -21.84 23.32
CA MET A 1 14.23 -21.73 21.87
C MET A 1 15.05 -20.62 21.20
N GLN A 2 15.91 -21.04 20.27
CA GLN A 2 16.77 -20.12 19.53
C GLN A 2 16.05 -19.59 18.31
N ILE A 3 16.00 -18.26 18.17
CA ILE A 3 15.53 -17.63 16.93
C ILE A 3 16.63 -16.76 16.31
N PHE A 4 16.43 -16.42 15.04
CA PHE A 4 17.40 -15.64 14.30
C PHE A 4 16.85 -14.25 14.02
N VAL A 5 17.73 -13.25 14.05
CA VAL A 5 17.34 -11.86 13.77
C VAL A 5 18.36 -11.22 12.82
N LYS A 6 17.90 -10.84 11.63
CA LYS A 6 18.79 -10.32 10.58
C LYS A 6 18.71 -8.81 10.45
N THR A 7 19.85 -8.13 10.60
CA THR A 7 19.90 -6.66 10.56
C THR A 7 20.08 -6.10 9.15
N LEU A 8 20.09 -4.78 9.05
CA LEU A 8 20.15 -4.10 7.76
C LEU A 8 21.45 -4.34 7.00
N THR A 9 22.55 -4.46 7.76
CA THR A 9 23.88 -4.75 7.19
C THR A 9 24.12 -6.24 6.97
N GLY A 10 23.06 -7.03 7.14
CA GLY A 10 23.12 -8.48 6.91
C GLY A 10 23.69 -9.26 8.08
N LYS A 11 23.76 -8.62 9.25
CA LYS A 11 24.32 -9.23 10.44
C LYS A 11 23.22 -9.96 11.20
N THR A 12 23.49 -11.23 11.53
CA THR A 12 22.51 -12.07 12.22
C THR A 12 22.76 -12.10 13.72
N ILE A 13 21.68 -12.18 14.49
CA ILE A 13 21.78 -12.35 15.94
C ILE A 13 21.02 -13.61 16.34
N THR A 14 21.66 -14.45 17.14
CA THR A 14 21.01 -15.63 17.71
C THR A 14 20.41 -15.25 19.06
N LEU A 15 19.17 -15.67 19.30
CA LEU A 15 18.48 -15.32 20.55
C LEU A 15 17.69 -16.46 21.16
N GLU A 16 17.94 -16.72 22.44
CA GLU A 16 17.11 -17.63 23.23
C GLU A 16 15.86 -16.86 23.63
N VAL A 17 14.69 -17.48 23.42
CA VAL A 17 13.40 -16.81 23.66
C VAL A 17 12.26 -17.83 23.83
N GLU A 18 11.21 -17.44 24.56
CA GLU A 18 10.04 -18.31 24.80
C GLU A 18 8.79 -17.76 24.13
N PRO A 19 8.05 -18.60 23.38
CA PRO A 19 6.86 -18.23 22.57
C PRO A 19 5.90 -17.25 23.24
N SER A 20 5.83 -17.29 24.57
CA SER A 20 4.95 -16.41 25.33
C SER A 20 5.50 -14.97 25.48
N ASP A 21 6.79 -14.79 25.21
CA ASP A 21 7.45 -13.46 25.30
C ASP A 21 6.85 -12.45 24.32
N THR A 22 6.55 -11.25 24.84
CA THR A 22 6.02 -10.17 24.02
C THR A 22 7.08 -9.63 23.06
N ILE A 23 6.65 -8.76 22.15
CA ILE A 23 7.57 -8.12 21.21
C ILE A 23 8.46 -7.11 21.93
N GLU A 24 7.89 -6.40 22.91
CA GLU A 24 8.65 -5.55 23.82
C GLU A 24 9.72 -6.39 24.47
N ASN A 25 9.34 -7.62 24.82
CA ASN A 25 10.20 -8.57 25.50
C ASN A 25 11.44 -8.88 24.67
N VAL A 26 11.20 -9.23 23.40
CA VAL A 26 12.27 -9.61 22.46
C VAL A 26 13.20 -8.43 22.14
N LYS A 27 12.61 -7.25 21.92
CA LYS A 27 13.35 -6.00 21.72
C LYS A 27 14.29 -5.71 22.89
N ALA A 28 13.79 -5.95 24.10
CA ALA A 28 14.58 -5.79 25.33
C ALA A 28 15.76 -6.75 25.38
N LYS A 29 15.56 -7.95 24.84
CA LYS A 29 16.62 -8.96 24.76
C LYS A 29 17.65 -8.56 23.70
N ILE A 30 17.20 -7.92 22.62
CA ILE A 30 18.09 -7.38 21.59
C ILE A 30 18.96 -6.26 22.18
N GLN A 31 18.37 -5.39 23.01
CA GLN A 31 19.15 -4.33 23.67
C GLN A 31 20.28 -4.90 24.53
N ASP A 32 19.94 -5.87 25.39
CA ASP A 32 20.91 -6.64 26.16
C ASP A 32 22.13 -7.01 25.31
N LYS A 33 21.88 -7.81 24.27
CA LYS A 33 22.93 -8.43 23.51
C LYS A 33 23.65 -7.51 22.52
N GLU A 34 22.94 -6.58 21.90
CA GLU A 34 23.53 -5.84 20.79
C GLU A 34 23.59 -4.32 20.97
N GLY A 35 23.08 -3.84 22.10
CA GLY A 35 23.13 -2.41 22.40
C GLY A 35 22.23 -1.55 21.53
N ILE A 36 21.20 -2.16 20.95
CA ILE A 36 20.27 -1.40 20.13
C ILE A 36 19.07 -1.02 21.01
N PRO A 37 18.83 0.29 21.16
CA PRO A 37 17.68 0.77 21.94
C PRO A 37 16.38 0.33 21.29
N PRO A 38 15.44 -0.22 22.09
CA PRO A 38 14.14 -0.71 21.61
C PRO A 38 13.40 0.29 20.72
N ASP A 39 13.26 1.52 21.18
CA ASP A 39 12.58 2.60 20.46
C ASP A 39 13.14 2.85 19.07
N GLN A 40 14.28 2.23 18.77
CA GLN A 40 14.95 2.39 17.49
C GLN A 40 14.82 1.16 16.59
N GLN A 41 14.22 0.10 17.14
CA GLN A 41 14.05 -1.18 16.44
C GLN A 41 12.73 -1.31 15.70
N ARG A 42 12.79 -1.83 14.46
CA ARG A 42 11.60 -2.27 13.73
C ARG A 42 11.69 -3.77 13.50
N LEU A 43 10.80 -4.52 14.14
CA LEU A 43 10.79 -5.98 14.00
C LEU A 43 9.80 -6.45 12.94
N ILE A 44 10.34 -7.00 11.85
CA ILE A 44 9.53 -7.35 10.68
C ILE A 44 9.60 -8.84 10.39
N PHE A 45 8.44 -9.48 10.27
CA PHE A 45 8.36 -10.91 9.93
C PHE A 45 7.11 -11.23 9.11
N ALA A 46 7.29 -12.10 8.12
CA ALA A 46 6.20 -12.60 7.25
C ALA A 46 5.58 -11.56 6.33
N GLY A 47 6.07 -10.32 6.41
CA GLY A 47 5.57 -9.22 5.58
C GLY A 47 4.81 -8.18 6.39
N LYS A 48 5.02 -8.19 7.70
CA LYS A 48 4.37 -7.24 8.59
C LYS A 48 5.28 -6.89 9.77
N GLN A 49 5.18 -5.64 10.22
CA GLN A 49 5.90 -5.15 11.40
C GLN A 49 5.18 -5.60 12.65
N LEU A 50 5.92 -6.21 13.57
CA LEU A 50 5.35 -6.70 14.81
C LEU A 50 4.94 -5.54 15.74
N GLU A 51 3.95 -5.80 16.59
CA GLU A 51 3.48 -4.78 17.52
C GLU A 51 3.75 -5.23 18.96
N ASP A 52 4.10 -4.25 19.79
CA ASP A 52 4.58 -4.50 21.16
C ASP A 52 3.66 -5.38 22.01
N GLY A 53 2.36 -5.12 21.94
CA GLY A 53 1.37 -5.88 22.68
C GLY A 53 1.47 -7.40 22.51
N ARG A 54 1.49 -7.86 21.26
CA ARG A 54 1.41 -9.29 20.93
C ARG A 54 2.64 -10.09 21.36
N THR A 55 2.44 -11.39 21.51
CA THR A 55 3.50 -12.32 21.87
C THR A 55 4.12 -12.88 20.59
N LEU A 56 5.06 -13.81 20.74
CA LEU A 56 5.72 -14.41 19.58
C LEU A 56 4.82 -15.39 18.83
N SER A 57 3.86 -15.97 19.54
CA SER A 57 2.99 -16.97 18.95
C SER A 57 1.84 -16.36 18.19
N ASP A 58 1.55 -15.08 18.43
CA ASP A 58 0.50 -14.35 17.73
C ASP A 58 0.89 -13.96 16.29
N TYR A 59 2.17 -14.12 15.97
CA TYR A 59 2.63 -13.99 14.60
C TYR A 59 3.15 -15.36 14.15
N ASN A 60 2.78 -16.38 14.94
CA ASN A 60 3.16 -17.78 14.75
C ASN A 60 4.65 -18.07 14.56
N ILE A 61 5.48 -17.21 15.15
CA ILE A 61 6.94 -17.35 15.11
C ILE A 61 7.36 -18.55 15.96
N GLN A 62 8.04 -19.51 15.35
CA GLN A 62 8.37 -20.77 16.02
C GLN A 62 9.71 -21.34 15.60
N LYS A 63 10.44 -21.86 16.58
CA LYS A 63 11.78 -22.43 16.41
C LYS A 63 12.76 -21.60 15.53
N GLU A 64 13.23 -22.18 14.43
CA GLU A 64 14.39 -21.61 13.72
C GLU A 64 14.08 -20.40 12.81
N SER A 65 13.00 -19.68 13.12
CA SER A 65 12.54 -18.53 12.32
C SER A 65 13.52 -17.34 12.30
N THR A 66 13.57 -16.62 11.18
CA THR A 66 14.44 -15.46 11.04
C THR A 66 13.63 -14.19 10.82
N LEU A 67 13.59 -13.33 11.85
CA LEU A 67 12.95 -12.01 11.79
C LEU A 67 13.92 -10.94 11.27
N HIS A 68 13.38 -9.91 10.64
CA HIS A 68 14.19 -8.79 10.16
C HIS A 68 14.29 -7.70 11.19
N LEU A 69 15.49 -7.18 11.40
CA LEU A 69 15.67 -6.01 12.24
C LEU A 69 16.05 -4.79 11.41
N VAL A 70 15.13 -3.83 11.36
CA VAL A 70 15.33 -2.58 10.63
C VAL A 70 15.44 -1.45 11.65
N LEU A 71 16.56 -0.73 11.63
CA LEU A 71 16.72 0.44 12.47
C LEU A 71 15.86 1.59 11.98
N ARG A 72 15.19 2.28 12.91
CA ARG A 72 14.42 3.47 12.57
C ARG A 72 15.40 4.57 12.21
N LEU A 73 15.47 4.90 10.92
CA LEU A 73 16.48 5.84 10.41
C LEU A 73 16.05 7.30 10.51
N ARG A 74 16.70 8.05 11.39
CA ARG A 74 16.47 9.48 11.50
C ARG A 74 17.80 10.22 11.34
N GLY A 75 17.72 11.51 11.03
CA GLY A 75 18.91 12.32 10.79
C GLY A 75 18.54 13.73 10.36
N ASP B 1 23.70 -2.29 -15.81
CA ASP B 1 24.17 -1.33 -14.77
C ASP B 1 24.31 -2.03 -13.42
N PHE B 2 25.34 -1.66 -12.66
CA PHE B 2 25.59 -2.29 -11.36
C PHE B 2 24.50 -2.01 -10.31
N LEU B 3 24.10 -0.75 -10.20
CA LEU B 3 23.12 -0.37 -9.20
C LEU B 3 21.78 -1.05 -9.46
N ASP B 4 21.44 -1.22 -10.73
CA ASP B 4 20.21 -1.90 -11.09
C ASP B 4 20.31 -3.42 -11.02
N SER B 5 21.52 -3.94 -10.85
CA SER B 5 21.74 -5.37 -10.71
C SER B 5 21.48 -5.85 -9.28
N LEU B 6 21.49 -4.92 -8.34
CA LEU B 6 21.24 -5.20 -6.92
C LEU B 6 19.83 -5.72 -6.67
N ILE B 7 19.73 -6.85 -5.97
CA ILE B 7 18.44 -7.43 -5.64
C ILE B 7 17.95 -6.91 -4.31
N TRP B 8 16.65 -6.67 -4.24
CA TRP B 8 16.03 -6.04 -3.07
C TRP B 8 15.10 -6.99 -2.40
N GLU B 9 15.16 -7.03 -1.07
CA GLU B 9 14.25 -7.83 -0.29
C GLU B 9 13.09 -6.99 0.25
N ARG B 10 11.91 -7.19 -0.33
CA ARG B 10 10.69 -6.64 0.23
C ARG B 10 10.55 -7.24 1.63
N VAL B 11 10.22 -6.41 2.61
CA VAL B 11 10.01 -6.87 3.99
C VAL B 11 8.65 -6.45 4.52
N VAL B 12 8.12 -5.33 4.00
CA VAL B 12 6.77 -4.84 4.33
C VAL B 12 6.32 -3.78 3.32
N ASP B 13 5.05 -3.86 2.88
CA ASP B 13 4.40 -2.79 2.10
C ASP B 13 5.27 -2.00 1.13
N GLU B 14 5.87 -2.66 0.15
CA GLU B 14 6.67 -1.91 -0.85
C GLU B 14 7.93 -1.26 -0.25
N GLN B 15 8.26 -1.62 0.99
CA GLN B 15 9.55 -1.29 1.59
C GLN B 15 10.52 -2.44 1.37
N TYR B 16 11.59 -2.15 0.63
CA TYR B 16 12.61 -3.15 0.30
C TYR B 16 13.92 -2.83 1.02
N ILE B 17 14.71 -3.87 1.30
CA ILE B 17 16.05 -3.68 1.87
C ILE B 17 17.12 -4.42 1.04
N THR B 18 18.39 -4.11 1.28
CA THR B 18 19.52 -4.73 0.57
C THR B 18 20.85 -4.39 1.28
N ASN B 19 21.78 -5.34 1.32
CA ASN B 19 23.02 -5.13 2.11
C ASN B 19 24.37 -5.25 1.38
N PRO B 20 24.53 -4.54 0.26
CA PRO B 20 25.81 -4.62 -0.44
C PRO B 20 26.93 -3.87 0.29
N THR B 21 28.11 -3.82 -0.33
CA THR B 21 29.24 -3.02 0.15
C THR B 21 30.00 -2.50 -1.07
N PHE B 22 30.02 -1.18 -1.22
CA PHE B 22 30.78 -0.53 -2.28
C PHE B 22 31.04 0.94 -1.97
N CYS B 23 31.99 1.55 -2.70
CA CYS B 23 32.32 2.95 -2.50
C CYS B 23 31.37 3.84 -3.31
N VAL B 24 30.70 4.76 -2.60
CA VAL B 24 29.69 5.65 -3.15
C VAL B 24 30.21 6.44 -4.35
N SER B 25 31.43 6.95 -4.24
CA SER B 25 32.04 7.79 -5.28
C SER B 25 32.19 7.09 -6.64
N ASP B 26 32.19 5.75 -6.64
CA ASP B 26 32.30 4.95 -7.86
C ASP B 26 31.06 5.05 -8.75
N TYR B 27 29.89 5.08 -8.11
CA TYR B 27 28.60 5.01 -8.78
C TYR B 27 27.78 6.28 -8.63
N PHE B 28 28.01 6.99 -7.52
CA PHE B 28 27.27 8.20 -7.19
C PHE B 28 28.16 9.43 -7.07
N GLU B 29 27.61 10.57 -7.45
CA GLU B 29 28.21 11.86 -7.18
C GLU B 29 27.47 12.46 -5.97
N VAL B 30 28.24 12.98 -5.01
CA VAL B 30 27.67 13.47 -3.75
C VAL B 30 27.48 14.99 -3.77
N ILE B 31 26.25 15.44 -3.51
CA ILE B 31 25.97 16.87 -3.34
C ILE B 31 25.61 17.17 -1.87
N ARG B 32 26.61 17.69 -1.16
CA ARG B 32 26.56 17.90 0.28
C ARG B 32 25.50 18.91 0.73
N GLN B 33 24.82 18.59 1.83
CA GLN B 33 23.82 19.47 2.44
C GLN B 33 24.35 20.00 3.78
N PRO B 34 24.03 21.28 4.11
CA PRO B 34 24.52 21.89 5.34
C PRO B 34 23.99 21.17 6.59
N GLY B 35 24.65 21.38 7.72
CA GLY B 35 24.22 20.80 9.00
C GLY B 35 23.16 21.66 9.66
N ASP B 36 21.95 21.62 9.11
CA ASP B 36 20.82 22.49 9.48
C ASP B 36 19.89 21.89 10.51
N GLY B 37 19.68 20.58 10.39
CA GLY B 37 18.51 19.93 11.00
C GLY B 37 17.41 19.85 9.96
N ASN B 38 17.70 20.34 8.76
CA ASN B 38 16.77 20.27 7.66
C ASN B 38 17.39 19.51 6.48
N CYS B 39 18.60 18.96 6.68
CA CYS B 39 19.33 18.28 5.60
C CYS B 39 18.55 17.15 4.93
N PHE B 40 17.71 16.43 5.69
CA PHE B 40 16.87 15.40 5.08
C PHE B 40 16.06 16.02 3.94
N TYR B 41 15.30 17.06 4.28
CA TYR B 41 14.44 17.73 3.31
C TYR B 41 15.22 18.42 2.19
N HIS B 42 16.27 19.18 2.53
CA HIS B 42 17.20 19.77 1.53
C HIS B 42 17.62 18.77 0.51
N SER B 43 17.93 17.55 0.98
CA SER B 43 18.37 16.47 0.11
C SER B 43 17.30 16.16 -0.93
N ILE B 44 16.05 16.06 -0.50
CA ILE B 44 14.93 15.89 -1.41
C ILE B 44 14.83 17.07 -2.37
N ALA B 45 14.90 18.29 -1.83
CA ALA B 45 14.79 19.51 -2.64
C ALA B 45 15.83 19.55 -3.76
N GLU B 46 17.00 18.99 -3.50
CA GLU B 46 18.10 18.99 -4.47
C GLU B 46 17.79 18.07 -5.65
N LEU B 47 17.14 16.95 -5.37
CA LEU B 47 16.84 15.95 -6.40
C LEU B 47 15.47 16.13 -7.05
N PHE B 48 14.51 16.69 -6.33
CA PHE B 48 13.13 16.75 -6.82
C PHE B 48 12.82 17.95 -7.74
N PHE B 49 13.44 19.10 -7.47
CA PHE B 49 13.20 20.31 -8.26
C PHE B 49 14.39 20.62 -9.14
N ASP B 50 14.15 21.36 -10.22
CA ASP B 50 15.21 21.87 -11.10
C ASP B 50 16.22 22.71 -10.34
N VAL B 51 15.77 23.87 -9.88
CA VAL B 51 16.61 24.77 -9.11
C VAL B 51 16.22 24.64 -7.63
N LYS B 52 17.23 24.33 -6.81
CA LYS B 52 17.08 24.21 -5.37
C LYS B 52 17.48 25.52 -4.71
N THR B 53 16.54 26.11 -3.96
CA THR B 53 16.81 27.32 -3.18
C THR B 53 17.07 26.90 -1.72
N PRO B 54 17.49 27.83 -0.85
CA PRO B 54 17.65 27.42 0.54
C PRO B 54 16.31 27.24 1.26
N SER B 55 15.24 27.76 0.67
CA SER B 55 13.90 27.72 1.28
C SER B 55 12.96 26.68 0.62
N SER B 56 13.48 25.98 -0.39
CA SER B 56 12.75 24.93 -1.10
C SER B 56 12.28 23.79 -0.19
N PHE B 57 13.11 23.41 0.77
CA PHE B 57 12.80 22.30 1.67
C PHE B 57 11.38 22.40 2.24
N ARG B 58 10.86 23.62 2.33
CA ARG B 58 9.52 23.84 2.86
C ARG B 58 8.43 23.39 1.91
N LYS B 59 8.73 23.33 0.63
CA LYS B 59 7.82 22.71 -0.34
C LYS B 59 7.73 21.19 -0.16
N VAL B 60 8.85 20.54 0.17
CA VAL B 60 8.79 19.11 0.48
C VAL B 60 8.19 18.86 1.86
N LYS B 61 8.39 19.79 2.80
CA LYS B 61 7.71 19.72 4.09
C LYS B 61 6.20 20.03 3.97
N GLU B 62 5.83 20.90 3.03
CA GLU B 62 4.43 21.12 2.65
C GLU B 62 3.83 19.80 2.17
N HIS B 63 4.56 19.10 1.31
CA HIS B 63 4.10 17.81 0.78
C HIS B 63 3.94 16.78 1.85
N LEU B 64 4.88 16.76 2.81
CA LEU B 64 4.81 15.86 3.96
C LEU B 64 3.52 16.01 4.76
N GLN B 65 3.13 17.25 5.02
CA GLN B 65 1.90 17.53 5.73
C GLN B 65 0.70 16.98 4.98
N LEU B 66 0.67 17.24 3.69
CA LEU B 66 -0.37 16.69 2.81
C LEU B 66 -0.33 15.17 2.80
N ALA B 67 0.88 14.61 2.83
CA ALA B 67 1.09 13.15 2.78
C ALA B 67 0.71 12.46 4.07
N ALA B 68 1.06 13.07 5.20
CA ALA B 68 0.75 12.54 6.54
C ALA B 68 -0.74 12.53 6.81
N GLU B 69 -1.45 13.47 6.19
CA GLU B 69 -2.88 13.62 6.32
C GLU B 69 -3.60 12.32 5.98
N VAL B 70 -3.04 11.57 5.04
CA VAL B 70 -3.73 10.45 4.42
C VAL B 70 -2.95 9.13 4.48
N TYR B 71 -1.68 9.18 4.90
CA TYR B 71 -0.83 7.99 4.97
C TYR B 71 -0.37 7.57 6.36
N TYR B 72 -0.19 8.54 7.26
CA TYR B 72 0.30 8.27 8.63
C TYR B 72 -0.36 7.06 9.30
N ASP B 73 -1.69 7.02 9.27
CA ASP B 73 -2.48 5.99 9.94
C ASP B 73 -2.22 4.54 9.45
N THR B 74 -1.55 4.40 8.32
CA THR B 74 -1.22 3.07 7.76
C THR B 74 0.27 2.84 7.52
N GLU B 75 1.10 3.65 8.16
CA GLU B 75 2.54 3.52 8.08
C GLU B 75 3.06 2.56 9.15
N PRO B 76 3.80 1.52 8.73
CA PRO B 76 4.32 0.49 9.64
C PRO B 76 5.21 1.07 10.73
N GLU B 77 6.15 1.93 10.33
CA GLU B 77 7.10 2.58 11.24
C GLU B 77 6.40 3.45 12.30
N ALA B 78 5.40 4.20 11.87
CA ALA B 78 4.58 5.01 12.76
C ALA B 78 3.82 4.14 13.76
N VAL B 79 3.21 3.06 13.27
CA VAL B 79 2.46 2.13 14.12
C VAL B 79 3.29 1.71 15.35
N GLY B 80 4.54 1.35 15.13
CA GLY B 80 5.44 0.96 16.22
C GLY B 80 5.93 2.10 17.11
N THR B 81 5.09 3.11 17.33
CA THR B 81 5.41 4.22 18.22
C THR B 81 4.35 4.47 19.30
N GLY B 82 3.08 4.50 18.89
CA GLY B 82 1.99 4.93 19.79
C GLY B 82 1.76 6.44 19.77
N ILE B 83 2.37 7.11 18.79
CA ILE B 83 2.20 8.55 18.56
C ILE B 83 1.06 8.78 17.56
N SER B 84 0.11 9.63 17.95
CA SER B 84 -1.00 10.03 17.08
C SER B 84 -0.54 10.83 15.85
N LYS B 85 -1.36 10.89 14.82
CA LYS B 85 -1.05 11.68 13.62
C LYS B 85 -0.85 13.16 13.96
N ASP B 86 -1.72 13.70 14.81
CA ASP B 86 -1.61 15.08 15.24
C ASP B 86 -0.41 15.32 16.13
N GLU B 87 -0.14 14.37 17.04
CA GLU B 87 1.03 14.45 17.93
C GLU B 87 2.31 14.51 17.08
N TYR B 88 2.30 13.81 15.95
CA TYR B 88 3.45 13.76 15.05
C TYR B 88 3.68 15.04 14.24
N ILE B 89 2.62 15.61 13.68
CA ILE B 89 2.76 16.76 12.79
C ILE B 89 3.19 18.06 13.50
N LYS B 90 2.73 18.25 14.73
CA LYS B 90 3.07 19.44 15.51
C LYS B 90 4.49 19.38 16.04
N VAL B 91 5.24 18.35 15.63
CA VAL B 91 6.65 18.26 15.96
C VAL B 91 7.50 18.17 14.70
N ALA B 92 7.04 17.40 13.71
CA ALA B 92 7.76 17.21 12.45
C ALA B 92 7.88 18.50 11.64
N MET B 93 6.86 19.35 11.72
CA MET B 93 6.77 20.56 10.92
C MET B 93 7.50 21.74 11.54
N LYS B 94 7.89 21.59 12.80
CA LYS B 94 8.68 22.58 13.52
C LYS B 94 10.05 22.66 12.84
N ASP B 95 10.68 23.83 12.89
CA ASP B 95 11.95 24.06 12.19
C ASP B 95 13.07 23.19 12.74
N ASN B 96 14.06 22.88 11.89
CA ASN B 96 15.27 22.12 12.24
C ASN B 96 15.00 20.72 12.83
N GLU B 97 13.80 20.21 12.64
CA GLU B 97 13.42 18.90 13.16
C GLU B 97 13.87 17.80 12.21
N TRP B 98 14.60 16.81 12.75
CA TRP B 98 15.08 15.67 11.96
C TRP B 98 13.96 14.91 11.32
N GLY B 99 14.30 14.18 10.26
CA GLY B 99 13.37 13.31 9.56
C GLY B 99 14.15 12.10 9.11
N GLY B 100 13.56 11.28 8.24
CA GLY B 100 14.25 10.11 7.72
C GLY B 100 13.31 9.10 7.10
N SER B 101 13.34 7.88 7.64
CA SER B 101 12.66 6.74 7.03
C SER B 101 11.15 6.85 7.01
N LEU B 102 10.56 7.31 8.11
CA LEU B 102 9.12 7.54 8.18
C LEU B 102 8.68 8.51 7.11
N GLU B 103 9.41 9.61 6.96
CA GLU B 103 9.00 10.65 6.02
C GLU B 103 9.35 10.24 4.62
N ALA B 104 10.39 9.40 4.48
CA ALA B 104 10.78 8.88 3.18
C ALA B 104 9.63 8.02 2.63
N SER B 105 9.14 7.14 3.49
CA SER B 105 8.03 6.26 3.16
C SER B 105 6.80 7.05 2.70
N MET B 106 6.29 7.90 3.59
CA MET B 106 5.12 8.74 3.31
C MET B 106 5.24 9.53 2.02
N LEU B 107 6.37 10.22 1.83
CA LEU B 107 6.61 11.05 0.66
C LEU B 107 6.67 10.29 -0.66
N SER B 108 7.24 9.08 -0.63
CA SER B 108 7.33 8.24 -1.81
C SER B 108 5.95 7.92 -2.38
N LYS B 109 4.98 7.76 -1.48
CA LYS B 109 3.60 7.51 -1.86
C LYS B 109 2.97 8.80 -2.41
N HIS B 110 3.34 9.92 -1.80
CA HIS B 110 2.72 11.19 -2.11
C HIS B 110 3.19 11.80 -3.40
N LEU B 111 4.50 11.85 -3.61
CA LEU B 111 5.02 12.44 -4.85
C LEU B 111 5.21 11.37 -5.93
N GLN B 112 4.79 10.16 -5.62
CA GLN B 112 4.82 9.03 -6.56
C GLN B 112 6.17 8.84 -7.24
N THR B 113 7.23 9.04 -6.47
CA THR B 113 8.58 8.59 -6.84
C THR B 113 9.01 7.61 -5.77
N THR B 114 10.00 6.78 -6.08
CA THR B 114 10.53 5.87 -5.08
C THR B 114 11.80 6.46 -4.47
N ILE B 115 11.92 6.40 -3.14
CA ILE B 115 13.02 7.03 -2.41
C ILE B 115 13.92 6.01 -1.72
N ILE B 116 15.23 6.14 -1.89
CA ILE B 116 16.17 5.21 -1.26
C ILE B 116 17.09 5.90 -0.24
N LEU B 117 17.29 5.23 0.90
CA LEU B 117 18.23 5.71 1.92
C LEU B 117 19.44 4.75 2.06
N TRP B 118 20.60 5.26 1.64
CA TRP B 118 21.83 4.49 1.65
C TRP B 118 22.60 4.77 2.90
N VAL B 119 22.65 3.77 3.77
CA VAL B 119 23.45 3.84 4.99
C VAL B 119 24.93 3.68 4.60
N VAL B 120 25.78 4.56 5.13
CA VAL B 120 27.17 4.66 4.70
C VAL B 120 28.16 4.54 5.87
N ASN B 121 29.41 4.18 5.57
CA ASN B 121 30.48 4.09 6.57
C ASN B 121 31.27 5.38 6.75
N SER B 122 31.98 5.46 7.86
CA SER B 122 32.97 6.53 8.03
C SER B 122 34.04 6.39 6.94
N THR B 123 34.01 5.26 6.23
CA THR B 123 34.91 5.00 5.12
C THR B 123 34.19 5.31 3.80
N GLU B 124 33.15 6.15 3.88
CA GLU B 124 32.30 6.48 2.73
C GLU B 124 31.93 5.26 1.88
N GLN B 125 31.59 4.17 2.56
CA GLN B 125 31.19 2.93 1.94
C GLN B 125 29.76 2.60 2.31
N VAL B 126 28.92 2.30 1.33
CA VAL B 126 27.56 1.83 1.62
C VAL B 126 27.62 0.40 2.18
N THR B 127 26.72 0.10 3.11
CA THR B 127 26.69 -1.21 3.76
C THR B 127 25.26 -1.76 3.81
N ALA B 128 24.30 -0.87 3.61
CA ALA B 128 22.88 -1.19 3.65
C ALA B 128 22.11 -0.15 2.86
N ALA B 129 20.90 -0.50 2.42
CA ALA B 129 19.98 0.45 1.78
C ALA B 129 18.53 0.08 2.02
N ILE B 130 17.68 1.09 2.18
CA ILE B 130 16.22 0.90 2.18
C ILE B 130 15.61 1.66 1.03
N LYS B 131 14.78 0.97 0.26
CA LYS B 131 14.06 1.54 -0.87
C LYS B 131 12.60 1.66 -0.48
N PHE B 132 12.01 2.79 -0.81
CA PHE B 132 10.60 3.03 -0.53
C PHE B 132 9.85 3.16 -1.85
N GLY B 133 9.13 2.10 -2.24
CA GLY B 133 8.48 2.07 -3.54
C GLY B 133 9.17 1.10 -4.49
N PRO B 134 8.45 0.66 -5.54
CA PRO B 134 8.88 -0.46 -6.38
C PRO B 134 9.85 -0.09 -7.50
N GLY B 135 10.37 1.14 -7.48
CA GLY B 135 11.20 1.63 -8.58
C GLY B 135 12.58 1.02 -8.62
N ARG B 136 13.22 1.11 -9.78
CA ARG B 136 14.64 0.77 -9.92
C ARG B 136 15.42 2.00 -9.42
N VAL B 137 16.69 1.81 -9.04
CA VAL B 137 17.43 2.86 -8.32
C VAL B 137 17.77 4.06 -9.19
N SER B 138 17.91 3.84 -10.50
CA SER B 138 18.27 4.93 -11.42
C SER B 138 17.17 6.00 -11.49
N THR B 139 15.92 5.56 -11.62
CA THR B 139 14.78 6.47 -11.68
C THR B 139 14.25 6.81 -10.28
N ALA B 140 15.03 6.46 -9.26
CA ALA B 140 14.67 6.71 -7.86
C ALA B 140 15.47 7.87 -7.28
N LEU B 141 14.94 8.49 -6.23
CA LEU B 141 15.65 9.52 -5.48
C LEU B 141 16.57 8.90 -4.43
N ASN B 142 17.88 9.08 -4.63
CA ASN B 142 18.87 8.44 -3.80
C ASN B 142 19.44 9.39 -2.75
N LEU B 143 19.32 9.01 -1.48
CA LEU B 143 19.85 9.79 -0.36
C LEU B 143 20.89 8.99 0.42
N MET B 144 21.86 9.71 0.99
CA MET B 144 22.94 9.09 1.76
C MET B 144 22.85 9.48 3.23
N HIS B 145 22.85 8.47 4.11
CA HIS B 145 22.75 8.65 5.56
C HIS B 145 24.12 8.58 6.20
N VAL B 146 24.70 9.76 6.46
CA VAL B 146 26.16 9.88 6.61
C VAL B 146 26.71 9.49 7.97
N GLY B 147 26.38 10.23 9.02
CA GLY B 147 26.73 9.80 10.37
C GLY B 147 25.68 8.78 10.69
N ARG B 148 25.12 8.82 11.88
CA ARG B 148 23.82 8.19 12.02
C ARG B 148 22.80 9.30 12.21
N THR B 149 23.07 10.45 11.61
CA THR B 149 22.41 11.70 11.96
C THR B 149 22.30 12.74 10.82
N HIS B 150 22.75 12.38 9.61
CA HIS B 150 22.84 13.36 8.53
C HIS B 150 22.43 12.77 7.20
N PHE B 151 21.86 13.62 6.34
CA PHE B 151 21.52 13.24 4.97
C PHE B 151 22.12 14.18 3.93
N ASP B 152 22.72 13.58 2.89
CA ASP B 152 23.22 14.30 1.73
C ASP B 152 22.52 13.76 0.48
N ALA B 153 22.78 14.37 -0.67
CA ALA B 153 22.13 13.96 -1.91
C ALA B 153 23.05 13.19 -2.87
N LEU B 154 22.45 12.33 -3.70
CA LEU B 154 23.20 11.49 -4.63
C LEU B 154 22.61 11.52 -6.03
N ARG B 155 23.48 11.75 -7.01
CA ARG B 155 23.13 11.59 -8.42
C ARG B 155 23.97 10.47 -9.03
N ILE B 156 23.34 9.59 -9.80
CA ILE B 156 24.04 8.52 -10.51
C ILE B 156 24.95 9.13 -11.58
N ILE B 157 26.19 8.64 -11.66
CA ILE B 157 27.12 9.09 -12.70
C ILE B 157 27.04 8.15 -13.90
N MET C 1 -34.36 -15.06 11.57
CA MET C 1 -34.08 -13.63 11.87
C MET C 1 -33.92 -12.79 10.61
N GLN C 2 -34.14 -11.48 10.73
CA GLN C 2 -33.88 -10.55 9.64
C GLN C 2 -32.48 -9.94 9.74
N ILE C 3 -31.86 -9.71 8.59
CA ILE C 3 -30.58 -8.99 8.49
C ILE C 3 -30.65 -7.96 7.37
N PHE C 4 -29.80 -6.96 7.43
CA PHE C 4 -29.76 -5.94 6.40
C PHE C 4 -28.54 -6.13 5.52
N VAL C 5 -28.72 -5.89 4.22
CA VAL C 5 -27.62 -5.94 3.25
C VAL C 5 -27.62 -4.64 2.44
N LYS C 6 -26.61 -3.81 2.68
CA LYS C 6 -26.50 -2.48 2.08
C LYS C 6 -25.56 -2.54 0.89
N THR C 7 -26.11 -2.46 -0.32
CA THR C 7 -25.30 -2.60 -1.54
C THR C 7 -24.45 -1.35 -1.83
N LEU C 8 -23.68 -1.42 -2.91
CA LEU C 8 -22.72 -0.38 -3.29
C LEU C 8 -23.38 0.97 -3.62
N THR C 9 -24.64 0.93 -4.03
CA THR C 9 -25.41 2.14 -4.34
C THR C 9 -26.22 2.65 -3.14
N GLY C 10 -26.05 2.01 -1.99
CA GLY C 10 -26.76 2.41 -0.77
C GLY C 10 -28.05 1.66 -0.53
N LYS C 11 -28.54 0.99 -1.57
CA LYS C 11 -29.78 0.23 -1.53
C LYS C 11 -29.71 -0.87 -0.48
N THR C 12 -30.52 -0.72 0.56
CA THR C 12 -30.61 -1.70 1.66
C THR C 12 -31.69 -2.73 1.38
N ILE C 13 -31.39 -4.00 1.65
CA ILE C 13 -32.40 -5.06 1.56
C ILE C 13 -32.51 -5.88 2.85
N THR C 14 -33.74 -6.32 3.15
CA THR C 14 -33.98 -7.17 4.29
C THR C 14 -33.97 -8.63 3.86
N LEU C 15 -33.30 -9.46 4.64
CA LEU C 15 -33.27 -10.89 4.37
C LEU C 15 -33.71 -11.69 5.60
N GLU C 16 -34.51 -12.73 5.35
CA GLU C 16 -34.92 -13.65 6.39
C GLU C 16 -34.01 -14.88 6.36
N VAL C 17 -33.11 -14.99 7.33
CA VAL C 17 -32.17 -16.11 7.42
C VAL C 17 -32.00 -16.60 8.86
N GLU C 18 -31.40 -17.78 9.01
CA GLU C 18 -31.03 -18.32 10.33
C GLU C 18 -29.51 -18.26 10.60
N PRO C 19 -29.12 -18.30 11.89
CA PRO C 19 -27.69 -18.29 12.26
C PRO C 19 -26.90 -19.49 11.75
N SER C 20 -27.60 -20.50 11.23
CA SER C 20 -26.98 -21.72 10.73
C SER C 20 -26.83 -21.75 9.21
N ASP C 21 -27.36 -20.73 8.53
CA ASP C 21 -27.20 -20.58 7.08
C ASP C 21 -25.74 -20.27 6.72
N THR C 22 -25.16 -21.06 5.81
CA THR C 22 -23.81 -20.76 5.32
C THR C 22 -23.81 -19.44 4.57
N ILE C 23 -22.63 -18.89 4.28
CA ILE C 23 -22.51 -17.71 3.43
C ILE C 23 -22.95 -18.05 2.00
N GLU C 24 -22.63 -19.27 1.55
CA GLU C 24 -23.23 -19.84 0.34
C GLU C 24 -24.76 -19.70 0.30
N ASN C 25 -25.43 -19.95 1.43
CA ASN C 25 -26.88 -19.83 1.54
C ASN C 25 -27.40 -18.41 1.38
N VAL C 26 -26.81 -17.49 2.14
CA VAL C 26 -27.17 -16.08 2.12
C VAL C 26 -27.06 -15.54 0.69
N LYS C 27 -25.93 -15.83 0.04
CA LYS C 27 -25.64 -15.40 -1.32
C LYS C 27 -26.75 -15.81 -2.29
N ALA C 28 -27.23 -17.04 -2.11
CA ALA C 28 -28.26 -17.60 -2.98
C ALA C 28 -29.61 -16.99 -2.68
N LYS C 29 -29.83 -16.63 -1.41
CA LYS C 29 -31.05 -15.97 -0.98
C LYS C 29 -31.07 -14.58 -1.63
N ILE C 30 -29.90 -13.94 -1.69
CA ILE C 30 -29.75 -12.63 -2.33
C ILE C 30 -30.10 -12.70 -3.81
N GLN C 31 -29.70 -13.79 -4.48
CA GLN C 31 -30.05 -14.01 -5.89
C GLN C 31 -31.55 -14.18 -6.10
N ASP C 32 -32.22 -14.91 -5.20
CA ASP C 32 -33.68 -15.03 -5.24
C ASP C 32 -34.36 -13.65 -5.20
N LYS C 33 -33.89 -12.77 -4.32
CA LYS C 33 -34.52 -11.48 -4.11
C LYS C 33 -34.10 -10.40 -5.09
N GLU C 34 -32.80 -10.23 -5.31
CA GLU C 34 -32.29 -9.10 -6.08
C GLU C 34 -31.68 -9.46 -7.43
N GLY C 35 -31.60 -10.76 -7.70
CA GLY C 35 -31.15 -11.24 -8.99
C GLY C 35 -29.66 -11.25 -9.20
N ILE C 36 -28.92 -10.67 -8.25
CA ILE C 36 -27.46 -10.64 -8.33
C ILE C 36 -26.91 -12.06 -8.14
N PRO C 37 -26.17 -12.57 -9.14
CA PRO C 37 -25.64 -13.92 -9.07
C PRO C 37 -24.54 -14.07 -8.01
N PRO C 38 -24.55 -15.18 -7.26
CA PRO C 38 -23.61 -15.50 -6.18
C PRO C 38 -22.13 -15.25 -6.50
N ASP C 39 -21.72 -15.51 -7.74
CA ASP C 39 -20.32 -15.43 -8.15
C ASP C 39 -19.74 -14.01 -8.15
N GLN C 40 -20.60 -13.01 -8.29
CA GLN C 40 -20.14 -11.62 -8.21
C GLN C 40 -20.44 -10.94 -6.88
N GLN C 41 -21.07 -11.67 -5.96
CA GLN C 41 -21.37 -11.16 -4.63
C GLN C 41 -20.16 -11.31 -3.71
N ARG C 42 -19.70 -10.19 -3.14
CA ARG C 42 -18.74 -10.20 -2.04
C ARG C 42 -19.45 -9.69 -0.78
N LEU C 43 -19.69 -10.57 0.18
CA LEU C 43 -20.32 -10.16 1.44
C LEU C 43 -19.28 -9.79 2.50
N ILE C 44 -19.49 -8.65 3.16
CA ILE C 44 -18.51 -8.13 4.10
C ILE C 44 -19.15 -7.69 5.40
N PHE C 45 -18.55 -8.11 6.52
CA PHE C 45 -18.99 -7.68 7.85
C PHE C 45 -17.80 -7.47 8.80
N ALA C 46 -17.88 -6.40 9.60
CA ALA C 46 -16.81 -6.02 10.55
C ALA C 46 -15.40 -6.09 9.97
N GLY C 47 -15.17 -5.38 8.87
CA GLY C 47 -13.86 -5.29 8.23
C GLY C 47 -13.28 -6.60 7.72
N LYS C 48 -14.14 -7.55 7.38
CA LYS C 48 -13.71 -8.90 7.01
C LYS C 48 -14.71 -9.54 6.04
N GLN C 49 -14.23 -9.93 4.85
CA GLN C 49 -15.08 -10.59 3.85
C GLN C 49 -15.41 -12.03 4.24
N LEU C 50 -16.70 -12.34 4.28
CA LEU C 50 -17.20 -13.63 4.72
C LEU C 50 -16.94 -14.72 3.67
N GLU C 51 -16.74 -15.96 4.13
CA GLU C 51 -16.32 -17.05 3.23
C GLU C 51 -17.39 -18.10 3.06
N ASP C 52 -17.61 -18.50 1.81
CA ASP C 52 -18.70 -19.40 1.40
C ASP C 52 -19.02 -20.57 2.35
N GLY C 53 -17.98 -21.11 3.00
CA GLY C 53 -18.11 -22.31 3.81
C GLY C 53 -18.63 -22.09 5.22
N ARG C 54 -18.35 -20.92 5.80
CA ARG C 54 -18.65 -20.69 7.21
C ARG C 54 -20.03 -20.04 7.42
N THR C 55 -20.65 -20.35 8.55
CA THR C 55 -22.03 -19.93 8.85
C THR C 55 -22.08 -18.50 9.38
N LEU C 56 -23.28 -17.93 9.46
CA LEU C 56 -23.48 -16.58 9.98
C LEU C 56 -23.09 -16.43 11.45
N SER C 57 -23.31 -17.49 12.24
CA SER C 57 -22.95 -17.47 13.65
C SER C 57 -21.43 -17.53 13.85
N ASP C 58 -20.74 -18.29 12.99
CA ASP C 58 -19.28 -18.30 12.96
C ASP C 58 -18.73 -16.89 12.88
N TYR C 59 -19.26 -16.11 11.94
CA TYR C 59 -18.88 -14.70 11.78
C TYR C 59 -19.64 -13.80 12.75
N ASN C 60 -20.22 -14.43 13.78
CA ASN C 60 -20.81 -13.72 14.92
C ASN C 60 -21.84 -12.65 14.54
N ILE C 61 -22.42 -12.78 13.34
CA ILE C 61 -23.40 -11.79 12.88
C ILE C 61 -24.81 -12.08 13.44
N GLN C 62 -25.36 -11.10 14.12
CA GLN C 62 -26.56 -11.27 14.94
C GLN C 62 -27.77 -10.54 14.36
N LYS C 63 -28.90 -10.62 15.06
CA LYS C 63 -30.16 -10.04 14.60
C LYS C 63 -30.04 -8.53 14.29
N GLU C 64 -30.47 -8.17 13.09
CA GLU C 64 -30.44 -6.79 12.58
C GLU C 64 -29.04 -6.25 12.29
N SER C 65 -28.06 -7.14 12.20
CA SER C 65 -26.72 -6.76 11.74
C SER C 65 -26.76 -6.44 10.24
N THR C 66 -25.91 -5.50 9.82
CA THR C 66 -25.86 -5.05 8.42
C THR C 66 -24.64 -5.60 7.70
N LEU C 67 -24.87 -6.24 6.56
CA LEU C 67 -23.80 -6.73 5.68
C LEU C 67 -23.58 -5.80 4.51
N HIS C 68 -22.38 -5.83 3.96
CA HIS C 68 -22.06 -5.03 2.79
C HIS C 68 -22.00 -5.91 1.57
N LEU C 69 -22.74 -5.53 0.53
CA LEU C 69 -22.69 -6.29 -0.70
C LEU C 69 -21.94 -5.52 -1.77
N VAL C 70 -20.62 -5.63 -1.74
CA VAL C 70 -19.76 -5.01 -2.73
C VAL C 70 -19.72 -5.95 -3.91
N LEU C 71 -20.08 -5.44 -5.09
CA LEU C 71 -20.08 -6.24 -6.29
C LEU C 71 -18.65 -6.50 -6.74
N ARG C 72 -18.44 -7.71 -7.26
CA ARG C 72 -17.20 -8.07 -7.92
C ARG C 72 -17.25 -7.40 -9.28
N LEU C 73 -16.33 -6.47 -9.53
CA LEU C 73 -16.35 -5.65 -10.75
C LEU C 73 -15.34 -6.13 -11.78
N ARG C 74 -15.82 -6.46 -12.98
CA ARG C 74 -14.96 -6.87 -14.08
C ARG C 74 -15.32 -6.11 -15.36
N GLY C 75 -14.37 -5.94 -16.27
CA GLY C 75 -14.59 -5.18 -17.49
C GLY C 75 -13.44 -5.15 -18.48
N PHE D 2 -14.04 19.51 -4.11
CA PHE D 2 -15.36 18.90 -3.80
C PHE D 2 -15.33 17.37 -3.79
N LEU D 3 -14.76 16.79 -4.84
CA LEU D 3 -14.58 15.34 -4.87
C LEU D 3 -13.95 14.88 -3.56
N ASP D 4 -13.08 15.72 -3.02
CA ASP D 4 -12.34 15.42 -1.79
C ASP D 4 -13.18 15.60 -0.52
N SER D 5 -14.40 16.13 -0.67
CA SER D 5 -15.32 16.31 0.45
C SER D 5 -16.18 15.06 0.61
N LEU D 6 -16.15 14.20 -0.41
CA LEU D 6 -16.91 12.96 -0.38
C LEU D 6 -16.38 12.03 0.70
N ILE D 7 -17.26 11.59 1.60
CA ILE D 7 -16.87 10.68 2.67
C ILE D 7 -16.82 9.25 2.16
N TRP D 8 -15.75 8.55 2.50
CA TRP D 8 -15.58 7.15 2.15
C TRP D 8 -15.86 6.27 3.33
N GLU D 9 -15.86 4.97 3.11
CA GLU D 9 -16.02 4.05 4.21
C GLU D 9 -15.12 2.85 4.01
N ARG D 10 -14.26 2.62 5.00
CA ARG D 10 -13.38 1.47 5.01
C ARG D 10 -14.26 0.26 5.26
N VAL D 11 -14.33 -0.64 4.29
CA VAL D 11 -15.16 -1.84 4.43
C VAL D 11 -14.33 -3.11 4.63
N VAL D 12 -13.19 -3.19 3.96
CA VAL D 12 -12.21 -4.26 4.18
C VAL D 12 -10.81 -3.69 4.04
N ASP D 13 -9.87 -4.18 4.86
CA ASP D 13 -8.48 -3.77 4.79
C ASP D 13 -8.35 -2.29 4.41
N GLU D 14 -8.00 -2.03 3.15
CA GLU D 14 -7.80 -0.69 2.65
C GLU D 14 -8.68 -0.46 1.40
N GLN D 15 -9.86 -1.10 1.42
CA GLN D 15 -10.86 -0.94 0.38
C GLN D 15 -11.97 -0.01 0.88
N TYR D 16 -12.27 1.03 0.09
CA TYR D 16 -13.22 2.07 0.52
C TYR D 16 -14.37 2.17 -0.45
N ILE D 17 -15.55 2.54 0.06
CA ILE D 17 -16.75 2.73 -0.78
C ILE D 17 -17.50 4.02 -0.42
N THR D 18 -18.22 4.58 -1.41
CA THR D 18 -19.05 5.76 -1.25
C THR D 18 -20.12 5.72 -2.34
N ASN D 19 -21.23 6.43 -2.16
CA ASN D 19 -22.32 6.39 -3.16
C ASN D 19 -23.07 7.70 -3.47
N PRO D 20 -22.35 8.74 -3.97
CA PRO D 20 -23.11 9.92 -4.34
C PRO D 20 -23.85 9.68 -5.65
N THR D 21 -24.57 10.70 -6.12
CA THR D 21 -25.09 10.71 -7.46
C THR D 21 -24.70 12.05 -8.02
N PHE D 22 -23.88 12.04 -9.05
CA PHE D 22 -23.61 13.26 -9.80
C PHE D 22 -23.30 12.96 -11.25
N CYS D 23 -23.44 13.99 -12.08
CA CYS D 23 -23.13 13.90 -13.51
C CYS D 23 -21.62 13.85 -13.70
N VAL D 24 -21.16 12.96 -14.57
CA VAL D 24 -19.72 12.73 -14.76
C VAL D 24 -19.00 13.98 -15.28
N SER D 25 -19.47 14.50 -16.40
CA SER D 25 -18.87 15.65 -17.08
C SER D 25 -18.79 16.96 -16.27
N ASP D 26 -19.41 16.98 -15.10
CA ASP D 26 -19.39 18.16 -14.22
C ASP D 26 -18.08 18.31 -13.43
N TYR D 27 -17.34 17.21 -13.31
CA TYR D 27 -16.15 17.18 -12.48
C TYR D 27 -14.99 16.48 -13.18
N PHE D 28 -15.34 15.57 -14.10
CA PHE D 28 -14.35 14.76 -14.78
C PHE D 28 -14.36 14.97 -16.29
N GLU D 29 -13.18 14.92 -16.88
CA GLU D 29 -13.03 14.87 -18.33
C GLU D 29 -12.79 13.42 -18.73
N VAL D 30 -13.40 13.00 -19.84
CA VAL D 30 -13.43 11.59 -20.23
C VAL D 30 -12.51 11.31 -21.42
N ILE D 31 -11.65 10.31 -21.26
CA ILE D 31 -10.84 9.80 -22.35
C ILE D 31 -11.36 8.39 -22.67
N ARG D 32 -12.08 8.28 -23.79
CA ARG D 32 -12.66 7.01 -24.21
C ARG D 32 -11.57 5.98 -24.50
N GLN D 33 -11.80 4.77 -24.02
CA GLN D 33 -10.87 3.68 -24.24
C GLN D 33 -11.50 2.69 -25.20
N PRO D 34 -10.67 1.95 -25.96
CA PRO D 34 -11.27 1.14 -27.02
C PRO D 34 -11.87 -0.16 -26.48
N GLY D 35 -13.00 -0.57 -27.06
CA GLY D 35 -13.65 -1.80 -26.65
C GLY D 35 -12.96 -2.98 -27.29
N ASP D 36 -11.91 -3.49 -26.64
CA ASP D 36 -11.14 -4.61 -27.16
C ASP D 36 -10.78 -5.66 -26.11
N GLY D 37 -11.50 -5.68 -24.99
CA GLY D 37 -11.18 -6.65 -23.94
C GLY D 37 -10.01 -6.24 -23.05
N ASN D 38 -9.22 -5.28 -23.50
CA ASN D 38 -8.09 -4.77 -22.73
C ASN D 38 -8.33 -3.38 -22.14
N CYS D 39 -9.58 -2.89 -22.29
CA CYS D 39 -9.95 -1.51 -21.99
C CYS D 39 -9.63 -1.05 -20.57
N PHE D 40 -9.59 -2.00 -19.64
CA PHE D 40 -9.23 -1.73 -18.24
C PHE D 40 -7.79 -1.25 -18.19
N TYR D 41 -6.88 -2.10 -18.67
CA TYR D 41 -5.44 -1.84 -18.59
C TYR D 41 -5.03 -0.64 -19.42
N HIS D 42 -5.72 -0.41 -20.53
CA HIS D 42 -5.56 0.80 -21.32
C HIS D 42 -5.92 2.00 -20.49
N SER D 43 -7.02 1.88 -19.74
CA SER D 43 -7.47 2.99 -18.91
C SER D 43 -6.39 3.35 -17.89
N ILE D 44 -5.87 2.34 -17.19
CA ILE D 44 -4.82 2.57 -16.20
C ILE D 44 -3.55 3.15 -16.85
N ALA D 45 -3.16 2.61 -17.99
CA ALA D 45 -1.98 3.10 -18.72
C ALA D 45 -2.06 4.59 -19.07
N GLU D 46 -3.27 5.08 -19.34
CA GLU D 46 -3.51 6.46 -19.80
C GLU D 46 -3.27 7.51 -18.71
N LEU D 47 -3.45 7.09 -17.46
CA LEU D 47 -3.35 8.00 -16.34
C LEU D 47 -2.01 7.85 -15.64
N PHE D 48 -1.42 6.66 -15.74
CA PHE D 48 -0.18 6.33 -15.05
C PHE D 48 1.09 6.75 -15.80
N PHE D 49 1.04 6.75 -17.13
CA PHE D 49 2.24 7.03 -17.93
C PHE D 49 2.22 8.42 -18.51
N ASP D 50 3.38 8.92 -18.91
CA ASP D 50 3.42 10.21 -19.57
C ASP D 50 2.97 10.12 -21.02
N VAL D 51 3.36 9.04 -21.68
CA VAL D 51 2.89 8.73 -23.03
C VAL D 51 2.30 7.32 -23.06
N LYS D 52 1.20 7.18 -23.81
CA LYS D 52 0.47 5.93 -23.94
C LYS D 52 0.66 5.31 -25.33
N THR D 53 1.57 4.33 -25.41
CA THR D 53 1.71 3.45 -26.58
C THR D 53 0.36 2.72 -26.80
N PRO D 54 0.14 2.14 -27.99
CA PRO D 54 -1.00 1.23 -28.05
C PRO D 54 -0.76 -0.03 -27.23
N SER D 55 0.51 -0.34 -26.97
CA SER D 55 0.88 -1.51 -26.18
C SER D 55 1.39 -1.14 -24.77
N SER D 56 0.91 0.00 -24.25
CA SER D 56 1.25 0.44 -22.90
C SER D 56 0.63 -0.46 -21.83
N PHE D 57 -0.62 -0.86 -22.06
CA PHE D 57 -1.37 -1.71 -21.15
C PHE D 57 -0.59 -2.98 -20.79
N ARG D 58 0.40 -3.30 -21.61
CA ARG D 58 1.25 -4.46 -21.34
C ARG D 58 2.20 -4.21 -20.19
N LYS D 59 2.65 -2.96 -20.00
CA LYS D 59 3.53 -2.67 -18.87
C LYS D 59 2.79 -2.75 -17.55
N VAL D 60 1.54 -2.30 -17.53
CA VAL D 60 0.70 -2.43 -16.33
C VAL D 60 0.32 -3.90 -16.07
N LYS D 61 0.08 -4.66 -17.12
CA LYS D 61 -0.14 -6.10 -16.96
C LYS D 61 1.15 -6.82 -16.49
N GLU D 62 2.30 -6.30 -16.92
CA GLU D 62 3.60 -6.73 -16.35
C GLU D 62 3.67 -6.44 -14.86
N HIS D 63 3.18 -5.26 -14.45
CA HIS D 63 3.13 -4.90 -13.04
C HIS D 63 2.21 -5.81 -12.26
N LEU D 64 1.14 -6.25 -12.91
CA LEU D 64 0.17 -7.14 -12.28
C LEU D 64 0.78 -8.50 -11.96
N GLN D 65 1.41 -9.11 -12.96
CA GLN D 65 2.15 -10.35 -12.78
C GLN D 65 2.99 -10.27 -11.50
N LEU D 66 3.82 -9.24 -11.44
CA LEU D 66 4.68 -8.96 -10.30
C LEU D 66 3.89 -8.77 -9.02
N ALA D 67 2.90 -7.87 -9.07
CA ALA D 67 2.03 -7.54 -7.94
C ALA D 67 1.33 -8.77 -7.33
N ALA D 68 0.80 -9.65 -8.19
CA ALA D 68 0.10 -10.86 -7.77
C ALA D 68 0.98 -11.79 -6.94
N GLU D 69 2.29 -11.79 -7.24
CA GLU D 69 3.24 -12.69 -6.59
C GLU D 69 3.27 -12.54 -5.08
N VAL D 70 3.13 -11.29 -4.60
CA VAL D 70 3.16 -10.99 -3.17
C VAL D 70 1.77 -10.77 -2.56
N TYR D 71 0.84 -10.21 -3.32
CA TYR D 71 -0.44 -9.80 -2.74
C TYR D 71 -1.64 -10.74 -2.91
N TYR D 72 -1.61 -11.60 -3.93
CA TYR D 72 -2.77 -12.41 -4.27
C TYR D 72 -3.30 -13.25 -3.09
N ASP D 73 -2.41 -13.99 -2.44
CA ASP D 73 -2.84 -14.92 -1.37
C ASP D 73 -3.58 -14.27 -0.18
N THR D 74 -3.49 -12.95 -0.05
CA THR D 74 -4.11 -12.24 1.08
C THR D 74 -5.24 -11.27 0.65
N GLU D 75 -5.45 -11.16 -0.66
CA GLU D 75 -6.50 -10.29 -1.21
C GLU D 75 -7.90 -10.81 -0.89
N PRO D 76 -8.68 -10.02 -0.12
CA PRO D 76 -10.02 -10.42 0.32
C PRO D 76 -10.95 -10.83 -0.83
N GLU D 77 -10.83 -10.15 -1.98
CA GLU D 77 -11.64 -10.48 -3.15
C GLU D 77 -11.22 -11.85 -3.68
N ALA D 78 -9.92 -12.08 -3.74
CA ALA D 78 -9.38 -13.29 -4.33
C ALA D 78 -9.54 -14.50 -3.43
N VAL D 79 -9.40 -14.30 -2.11
CA VAL D 79 -9.38 -15.42 -1.17
C VAL D 79 -10.68 -16.26 -1.22
N GLY D 80 -11.81 -15.58 -1.39
CA GLY D 80 -13.11 -16.26 -1.44
C GLY D 80 -13.28 -17.21 -2.61
N THR D 81 -12.80 -16.79 -3.79
CA THR D 81 -13.02 -17.49 -5.05
C THR D 81 -12.50 -18.93 -5.11
N GLY D 82 -11.52 -19.24 -4.28
CA GLY D 82 -10.88 -20.56 -4.32
C GLY D 82 -9.99 -20.75 -5.53
N ILE D 83 -9.84 -19.69 -6.33
CA ILE D 83 -8.87 -19.68 -7.42
C ILE D 83 -7.50 -19.38 -6.82
N SER D 84 -6.55 -20.28 -7.06
CA SER D 84 -5.17 -20.11 -6.63
C SER D 84 -4.50 -19.00 -7.45
N LYS D 85 -3.40 -18.45 -6.93
CA LYS D 85 -2.57 -17.47 -7.68
C LYS D 85 -2.12 -18.01 -9.04
N ASP D 86 -1.67 -19.26 -9.08
CA ASP D 86 -1.16 -19.90 -10.30
C ASP D 86 -2.22 -19.97 -11.38
N GLU D 87 -3.41 -20.42 -11.01
CA GLU D 87 -4.54 -20.58 -11.93
C GLU D 87 -5.06 -19.22 -12.38
N TYR D 88 -4.81 -18.21 -11.55
CA TYR D 88 -5.17 -16.84 -11.87
C TYR D 88 -4.30 -16.29 -13.02
N ILE D 89 -3.00 -16.10 -12.79
CA ILE D 89 -2.16 -15.48 -13.81
C ILE D 89 -2.26 -16.18 -15.15
N LYS D 90 -2.46 -17.50 -15.10
CA LYS D 90 -2.63 -18.33 -16.29
C LYS D 90 -3.79 -17.83 -17.18
N VAL D 91 -4.85 -17.32 -16.56
CA VAL D 91 -5.97 -16.77 -17.33
C VAL D 91 -5.98 -15.24 -17.37
N ALA D 92 -5.62 -14.58 -16.28
CA ALA D 92 -5.58 -13.10 -16.25
C ALA D 92 -4.54 -12.48 -17.20
N MET D 93 -3.35 -13.09 -17.28
CA MET D 93 -2.29 -12.60 -18.16
C MET D 93 -2.57 -12.90 -19.63
N LYS D 94 -3.56 -13.76 -19.87
CA LYS D 94 -4.05 -14.11 -21.20
C LYS D 94 -4.51 -12.83 -21.91
N ASP D 95 -4.13 -12.68 -23.17
CA ASP D 95 -4.45 -11.46 -23.92
C ASP D 95 -5.95 -11.28 -24.13
N ASN D 96 -6.38 -10.02 -24.17
CA ASN D 96 -7.82 -9.66 -24.26
C ASN D 96 -8.66 -10.08 -23.05
N GLU D 97 -8.01 -10.45 -21.96
CA GLU D 97 -8.73 -10.86 -20.76
C GLU D 97 -9.17 -9.63 -19.96
N TRP D 98 -10.35 -9.74 -19.35
CA TRP D 98 -10.94 -8.66 -18.57
C TRP D 98 -10.25 -8.47 -17.26
N GLY D 99 -10.27 -7.22 -16.77
CA GLY D 99 -9.75 -6.90 -15.45
C GLY D 99 -10.79 -6.14 -14.66
N GLY D 100 -10.46 -5.71 -13.45
CA GLY D 100 -11.40 -4.94 -12.65
C GLY D 100 -10.96 -4.68 -11.23
N SER D 101 -11.84 -5.01 -10.30
CA SER D 101 -11.68 -4.65 -8.89
C SER D 101 -10.55 -5.36 -8.19
N LEU D 102 -10.36 -6.64 -8.48
CA LEU D 102 -9.26 -7.40 -7.91
C LEU D 102 -7.91 -6.88 -8.40
N GLU D 103 -7.83 -6.54 -9.69
CA GLU D 103 -6.59 -6.08 -10.29
C GLU D 103 -6.25 -4.71 -9.77
N ALA D 104 -7.26 -3.87 -9.60
CA ALA D 104 -7.10 -2.52 -9.07
C ALA D 104 -6.49 -2.56 -7.67
N SER D 105 -7.03 -3.42 -6.81
CA SER D 105 -6.54 -3.62 -5.45
C SER D 105 -5.07 -4.05 -5.38
N MET D 106 -4.63 -4.95 -6.26
CA MET D 106 -3.24 -5.43 -6.25
C MET D 106 -2.26 -4.41 -6.84
N LEU D 107 -2.69 -3.74 -7.91
CA LEU D 107 -1.90 -2.67 -8.52
C LEU D 107 -1.79 -1.47 -7.60
N SER D 108 -2.86 -1.21 -6.83
CA SER D 108 -2.88 -0.13 -5.86
C SER D 108 -1.74 -0.25 -4.85
N LYS D 109 -1.51 -1.47 -4.40
CA LYS D 109 -0.47 -1.72 -3.41
C LYS D 109 0.88 -1.68 -4.09
N HIS D 110 1.06 -2.54 -5.10
CA HIS D 110 2.30 -2.62 -5.86
C HIS D 110 2.84 -1.29 -6.29
N LEU D 111 2.01 -0.47 -6.95
CA LEU D 111 2.47 0.82 -7.50
C LEU D 111 2.44 1.96 -6.49
N GLN D 112 1.97 1.67 -5.27
CA GLN D 112 1.74 2.69 -4.24
C GLN D 112 0.88 3.86 -4.75
N THR D 113 -0.24 3.51 -5.38
CA THR D 113 -1.17 4.49 -5.93
C THR D 113 -2.60 4.10 -5.63
N THR D 114 -3.38 5.06 -5.18
CA THR D 114 -4.80 4.84 -4.91
C THR D 114 -5.59 4.85 -6.22
N ILE D 115 -6.41 3.82 -6.44
CA ILE D 115 -7.17 3.64 -7.68
C ILE D 115 -8.66 3.62 -7.37
N ILE D 116 -9.44 4.40 -8.11
CA ILE D 116 -10.89 4.46 -7.87
C ILE D 116 -11.72 4.00 -9.08
N LEU D 117 -12.74 3.18 -8.81
CA LEU D 117 -13.65 2.71 -9.86
C LEU D 117 -15.07 3.22 -9.65
N TRP D 118 -15.47 4.19 -10.48
CA TRP D 118 -16.80 4.79 -10.39
C TRP D 118 -17.76 4.00 -11.23
N VAL D 119 -18.84 3.56 -10.62
CA VAL D 119 -19.92 2.87 -11.34
C VAL D 119 -20.84 3.93 -11.96
N VAL D 120 -21.19 3.75 -13.23
CA VAL D 120 -21.92 4.79 -13.97
C VAL D 120 -23.23 4.33 -14.64
N ASN D 121 -24.28 5.13 -14.45
CA ASN D 121 -25.58 4.97 -15.09
C ASN D 121 -25.50 4.95 -16.60
N SER D 122 -26.60 4.57 -17.23
CA SER D 122 -26.79 4.72 -18.67
C SER D 122 -26.74 6.18 -19.09
N THR D 123 -27.16 7.07 -18.19
CA THR D 123 -27.24 8.50 -18.46
C THR D 123 -25.96 9.22 -18.02
N GLU D 124 -24.82 8.53 -18.18
CA GLU D 124 -23.51 9.06 -17.80
C GLU D 124 -23.58 9.68 -16.40
N GLN D 125 -23.81 8.84 -15.41
CA GLN D 125 -24.10 9.32 -14.07
C GLN D 125 -23.50 8.39 -13.01
N VAL D 126 -22.58 8.92 -12.20
CA VAL D 126 -21.95 8.09 -11.19
C VAL D 126 -22.94 7.87 -10.05
N THR D 127 -23.02 6.63 -9.56
CA THR D 127 -23.95 6.30 -8.48
C THR D 127 -23.32 5.43 -7.40
N ALA D 128 -21.99 5.36 -7.42
CA ALA D 128 -21.24 4.54 -6.48
C ALA D 128 -19.80 4.47 -6.98
N ALA D 129 -18.87 4.21 -6.06
CA ALA D 129 -17.46 4.03 -6.40
C ALA D 129 -16.75 3.21 -5.35
N ILE D 130 -15.70 2.51 -5.76
CA ILE D 130 -14.79 1.87 -4.80
C ILE D 130 -13.40 2.47 -4.92
N LYS D 131 -12.83 2.81 -3.76
CA LYS D 131 -11.48 3.32 -3.65
C LYS D 131 -10.59 2.20 -3.15
N PHE D 132 -9.45 2.06 -3.79
CA PHE D 132 -8.45 1.11 -3.38
C PHE D 132 -7.26 1.96 -2.95
N GLY D 133 -6.93 1.91 -1.66
CA GLY D 133 -5.85 2.74 -1.10
C GLY D 133 -6.39 3.99 -0.43
N PRO D 134 -5.69 4.48 0.61
CA PRO D 134 -6.20 5.57 1.44
C PRO D 134 -6.24 6.95 0.79
N GLY D 135 -5.53 7.12 -0.31
CA GLY D 135 -5.30 8.44 -0.90
C GLY D 135 -6.56 9.22 -1.24
N ARG D 136 -6.39 10.53 -1.40
CA ARG D 136 -7.48 11.42 -1.81
C ARG D 136 -7.77 11.22 -3.29
N VAL D 137 -8.99 11.56 -3.73
CA VAL D 137 -9.39 11.32 -5.12
C VAL D 137 -8.70 12.26 -6.12
N SER D 138 -8.36 13.46 -5.67
CA SER D 138 -7.76 14.48 -6.54
C SER D 138 -6.45 14.04 -7.18
N THR D 139 -5.67 13.24 -6.44
CA THR D 139 -4.40 12.70 -6.95
C THR D 139 -4.48 11.23 -7.38
N ALA D 140 -5.56 10.55 -7.01
CA ALA D 140 -5.76 9.12 -7.31
C ALA D 140 -5.87 8.83 -8.81
N LEU D 141 -5.96 7.54 -9.15
CA LEU D 141 -6.23 7.07 -10.51
C LEU D 141 -7.71 6.77 -10.72
N ASN D 142 -8.36 7.60 -11.54
CA ASN D 142 -9.81 7.62 -11.65
C ASN D 142 -10.36 6.89 -12.87
N LEU D 143 -11.08 5.81 -12.63
CA LEU D 143 -11.64 4.99 -13.70
C LEU D 143 -13.16 4.97 -13.73
N MET D 144 -13.71 4.80 -14.92
CA MET D 144 -15.15 4.80 -15.10
C MET D 144 -15.66 3.44 -15.59
N HIS D 145 -16.59 2.87 -14.84
CA HIS D 145 -17.14 1.56 -15.11
C HIS D 145 -18.48 1.71 -15.77
N VAL D 146 -18.57 1.27 -17.03
CA VAL D 146 -19.73 1.54 -17.87
C VAL D 146 -20.38 0.25 -18.39
N GLY D 147 -21.70 0.18 -18.24
CA GLY D 147 -22.46 -1.01 -18.63
C GLY D 147 -21.91 -2.29 -18.05
N ARG D 148 -21.35 -2.21 -16.86
CA ARG D 148 -20.80 -3.37 -16.15
C ARG D 148 -19.69 -4.09 -16.94
N THR D 149 -19.26 -3.48 -18.03
CA THR D 149 -18.46 -4.16 -19.04
C THR D 149 -17.22 -3.38 -19.46
N HIS D 150 -17.31 -2.06 -19.37
CA HIS D 150 -16.30 -1.21 -19.94
C HIS D 150 -15.59 -0.39 -18.91
N PHE D 151 -14.36 0.00 -19.22
CA PHE D 151 -13.60 0.94 -18.40
C PHE D 151 -13.07 2.09 -19.26
N ASP D 152 -13.43 3.31 -18.88
CA ASP D 152 -12.87 4.52 -19.49
C ASP D 152 -11.99 5.23 -18.48
N ALA D 153 -11.24 6.23 -18.95
CA ALA D 153 -10.35 6.98 -18.09
C ALA D 153 -10.89 8.36 -17.80
N LEU D 154 -10.72 8.79 -16.55
CA LEU D 154 -11.16 10.09 -16.08
C LEU D 154 -10.00 10.94 -15.57
N ARG D 155 -10.03 12.23 -15.93
CA ARG D 155 -9.16 13.22 -15.31
C ARG D 155 -10.04 14.28 -14.63
N ILE D 156 -9.56 14.85 -13.52
CA ILE D 156 -10.27 15.94 -12.89
C ILE D 156 -10.19 17.22 -13.75
N ILE D 157 -11.37 17.80 -14.06
CA ILE D 157 -11.49 19.10 -14.70
C ILE D 157 -11.00 20.20 -13.77
C1 4LJ E . 20.61 17.60 8.74
C2 4LJ E . 20.51 16.82 10.03
C3 4LJ E . 19.07 16.37 10.21
N1 4LJ E . 19.03 14.96 10.53
S SO4 F . 27.64 -4.19 11.57
O1 SO4 F . 28.30 -2.87 11.71
O2 SO4 F . 28.42 -5.24 12.29
O3 SO4 F . 26.26 -4.14 12.10
O4 SO4 F . 27.56 -4.52 10.13
C1 4LJ G . -13.37 -3.00 -22.50
C2 4LJ G . -12.76 -4.31 -22.08
C3 4LJ G . -13.65 -5.11 -21.13
N1 4LJ G . -13.43 -4.71 -19.75
S SO4 H . -14.65 -14.03 -19.53
O1 SO4 H . -13.96 -12.72 -19.39
O2 SO4 H . -14.76 -14.67 -18.20
O3 SO4 H . -13.87 -14.90 -20.44
O4 SO4 H . -15.99 -13.81 -20.11
S SO4 I . -2.53 -26.49 -19.08
O1 SO4 I . -2.70 -27.94 -18.86
O2 SO4 I . -1.63 -25.94 -18.05
O3 SO4 I . -3.85 -25.81 -19.02
O4 SO4 I . -1.92 -26.26 -20.42
#